data_1WXY
#
_entry.id   1WXY
#
_cell.length_a   76.870
_cell.length_b   76.870
_cell.length_c   134.130
_cell.angle_alpha   90.00
_cell.angle_beta   90.00
_cell.angle_gamma   90.00
#
_symmetry.space_group_name_H-M   'P 43 21 2'
#
loop_
_entity.id
_entity.type
_entity.pdbx_description
1 polymer 'Adenosine deaminase'
2 non-polymer 'ZINC ION'
3 non-polymer N-[4,5-BIS(4-HYDROXYPHENYL)-1,3-THIAZOL-2-YL]HEXANAMIDE
4 water water
#
_entity_poly.entity_id   1
_entity_poly.type   'polypeptide(L)'
_entity_poly.pdbx_seq_one_letter_code
;AQTPAFDKPKVELHVHLDGAIKPETILYYGKRRGIALPADTPEELQNIIGMDKPLTLPDFLAKFDYYMPAIAGCRDAIKR
IAYEFVEMKAKDGVVYVEVRYSPHLLANSKVEPIPWNQAEGDLTPDEVVSLVNQGLQEGERDFGVKVRSILCCMRHQPSW
SSEVVELCKKYREQTVVAIDLAGDETIEGSSLFPGHVQAYAEAVKSGVHRTVHAGEVGSANVVKEAVDTLKTERLGHGYH
TLEDTTLYNRLRQENMHFEICPWSSYLTGAWKPDTEHAVIRFKNDQVNYSLNTDDPLIFKSTLDTDYQMTKKDMGFTEEE
FKRLNINAAKSSFLPEDEKKELLDLLYKAYRMPSPA
;
_entity_poly.pdbx_strand_id   A
#
# COMPACT_ATOMS: atom_id res chain seq x y z
N THR A 3 -14.77 -14.85 -15.04
CA THR A 3 -15.00 -13.41 -15.41
C THR A 3 -13.89 -12.27 -15.28
N PRO A 4 -12.55 -12.51 -15.45
CA PRO A 4 -11.56 -11.47 -15.03
C PRO A 4 -11.41 -10.28 -15.94
N ALA A 5 -11.51 -9.03 -15.46
CA ALA A 5 -11.59 -7.92 -16.41
C ALA A 5 -10.40 -7.69 -17.38
N PHE A 6 -9.25 -8.15 -16.89
CA PHE A 6 -7.98 -8.02 -17.65
C PHE A 6 -7.03 -9.16 -17.26
N ASP A 7 -7.05 -10.18 -18.12
CA ASP A 7 -6.36 -11.49 -17.86
C ASP A 7 -4.93 -11.53 -18.43
N LYS A 8 -4.21 -10.52 -18.00
CA LYS A 8 -2.86 -10.34 -18.50
C LYS A 8 -1.96 -10.22 -17.32
N PRO A 9 -0.64 -10.40 -17.45
CA PRO A 9 0.10 -9.94 -16.30
C PRO A 9 -0.11 -8.44 -15.91
N LYS A 10 -0.04 -8.33 -14.57
CA LYS A 10 -0.23 -7.05 -13.89
C LYS A 10 0.94 -6.73 -12.97
N VAL A 11 1.04 -5.44 -12.66
CA VAL A 11 1.88 -4.94 -11.57
C VAL A 11 1.07 -4.07 -10.61
N GLU A 12 1.49 -4.10 -9.36
CA GLU A 12 0.84 -3.39 -8.31
C GLU A 12 1.83 -2.83 -7.33
N LEU A 13 1.59 -1.50 -7.09
CA LEU A 13 2.54 -0.65 -6.40
C LEU A 13 2.01 -0.06 -5.07
N HIS A 14 0.70 -0.28 -4.81
CA HIS A 14 -0.04 0.27 -3.65
C HIS A 14 -0.99 -0.70 -2.94
N VAL A 15 -0.45 -1.42 -2.00
CA VAL A 15 -1.15 -2.48 -1.27
C VAL A 15 -0.41 -2.68 0.04
N HIS A 16 -1.27 -2.80 1.11
CA HIS A 16 -0.71 -2.93 2.44
C HIS A 16 -0.73 -4.40 3.00
N LEU A 17 0.40 -4.97 3.27
CA LEU A 17 0.47 -6.19 4.05
C LEU A 17 -0.56 -6.48 5.16
N ASP A 18 -0.57 -5.51 6.14
CA ASP A 18 -1.58 -5.50 7.24
C ASP A 18 -3.01 -5.30 6.93
N GLY A 19 -3.31 -4.86 5.72
CA GLY A 19 -4.68 -5.07 5.21
C GLY A 19 -4.82 -6.09 4.01
N ALA A 20 -3.88 -7.05 3.95
CA ALA A 20 -3.95 -8.24 3.05
C ALA A 20 -3.59 -9.58 3.78
N ILE A 21 -4.33 -9.80 4.84
CA ILE A 21 -4.23 -11.06 5.50
C ILE A 21 -5.54 -11.77 5.25
N LYS A 22 -5.43 -13.07 5.02
CA LYS A 22 -6.63 -13.94 4.95
C LYS A 22 -7.32 -14.05 6.30
N PRO A 23 -8.61 -13.87 6.27
CA PRO A 23 -9.33 -14.20 7.47
C PRO A 23 -8.88 -15.48 8.20
N GLU A 24 -8.94 -16.60 7.46
CA GLU A 24 -8.26 -17.84 7.96
C GLU A 24 -6.99 -17.67 8.76
N THR A 25 -6.06 -16.90 8.24
CA THR A 25 -4.83 -16.80 9.05
C THR A 25 -4.90 -15.93 10.32
N ILE A 26 -5.69 -14.85 10.20
CA ILE A 26 -5.89 -14.02 11.39
C ILE A 26 -6.49 -14.85 12.50
N LEU A 27 -7.71 -15.32 12.17
CA LEU A 27 -8.42 -16.31 13.00
C LEU A 27 -7.65 -17.59 13.42
N TYR A 28 -6.66 -17.90 12.61
CA TYR A 28 -5.78 -18.89 13.17
C TYR A 28 -4.91 -18.50 14.35
N TYR A 29 -4.22 -17.33 14.21
CA TYR A 29 -3.38 -16.93 15.38
C TYR A 29 -4.13 -16.51 16.65
N GLY A 30 -5.35 -15.96 16.37
CA GLY A 30 -6.35 -15.86 17.44
C GLY A 30 -6.51 -17.10 18.37
N LYS A 31 -6.79 -18.28 17.73
CA LYS A 31 -6.68 -19.51 18.51
C LYS A 31 -5.30 -19.77 19.05
N ARG A 32 -4.34 -19.84 18.11
CA ARG A 32 -3.05 -20.36 18.52
C ARG A 32 -2.44 -19.74 19.75
N ARG A 33 -2.95 -18.51 20.05
CA ARG A 33 -2.48 -17.70 21.21
C ARG A 33 -3.42 -16.87 22.14
N GLY A 34 -4.71 -17.20 22.08
CA GLY A 34 -5.61 -16.56 23.07
C GLY A 34 -6.12 -15.09 22.91
N ILE A 35 -6.06 -14.59 21.66
CA ILE A 35 -6.54 -13.22 21.48
C ILE A 35 -7.99 -13.07 20.97
N ALA A 36 -8.90 -12.89 21.91
CA ALA A 36 -10.27 -13.12 21.41
C ALA A 36 -10.98 -12.16 20.41
N LEU A 37 -10.90 -12.58 19.12
CA LEU A 37 -11.62 -12.03 17.94
C LEU A 37 -13.15 -12.04 17.94
N PRO A 38 -13.82 -11.21 17.08
CA PRO A 38 -15.30 -11.18 17.03
C PRO A 38 -16.01 -12.18 16.12
N ALA A 39 -15.60 -13.46 16.25
CA ALA A 39 -16.12 -14.57 15.43
C ALA A 39 -15.18 -15.72 15.25
N ASP A 40 -15.78 -16.86 14.87
CA ASP A 40 -14.88 -18.04 14.83
C ASP A 40 -14.74 -18.93 13.60
N THR A 41 -15.58 -18.61 12.63
CA THR A 41 -15.29 -19.06 11.26
C THR A 41 -14.99 -17.98 10.18
N PRO A 42 -13.99 -18.30 9.34
CA PRO A 42 -13.48 -17.29 8.40
C PRO A 42 -14.46 -16.38 7.68
N GLU A 43 -15.44 -17.00 7.04
CA GLU A 43 -16.57 -16.26 6.44
C GLU A 43 -17.28 -15.11 7.23
N GLU A 44 -17.45 -15.33 8.55
CA GLU A 44 -17.99 -14.15 9.26
C GLU A 44 -16.99 -13.06 9.72
N LEU A 45 -15.74 -13.48 10.04
CA LEU A 45 -14.61 -12.51 9.98
C LEU A 45 -14.51 -11.62 8.75
N GLN A 46 -14.36 -12.26 7.59
CA GLN A 46 -14.51 -11.40 6.41
C GLN A 46 -15.78 -10.53 6.29
N ASN A 47 -16.82 -10.94 6.99
CA ASN A 47 -17.93 -10.00 7.10
C ASN A 47 -17.89 -8.84 8.14
N ILE A 48 -17.42 -9.17 9.35
CA ILE A 48 -17.20 -8.17 10.39
C ILE A 48 -16.08 -7.23 10.01
N ILE A 49 -14.90 -7.88 9.90
CA ILE A 49 -13.66 -7.17 9.49
C ILE A 49 -13.55 -6.72 8.05
N GLY A 50 -14.69 -6.32 7.47
CA GLY A 50 -14.82 -5.96 6.05
C GLY A 50 -15.88 -4.87 5.75
N MET A 51 -16.03 -4.48 4.51
CA MET A 51 -16.89 -3.28 4.40
C MET A 51 -17.74 -3.14 3.11
N ASP A 52 -18.87 -2.41 3.18
CA ASP A 52 -19.45 -2.12 1.84
C ASP A 52 -20.24 -0.83 1.56
N LYS A 53 -20.07 0.04 2.57
CA LYS A 53 -20.36 1.47 2.56
C LYS A 53 -19.13 2.24 3.03
N PRO A 54 -18.93 3.42 2.47
CA PRO A 54 -18.22 4.43 3.23
C PRO A 54 -18.29 4.31 4.76
N LEU A 55 -17.24 3.86 5.34
CA LEU A 55 -17.29 4.15 6.77
C LEU A 55 -16.88 5.57 7.18
N THR A 56 -17.26 5.82 8.41
CA THR A 56 -16.43 6.75 9.20
C THR A 56 -14.98 6.30 9.40
N LEU A 57 -14.07 7.26 9.52
CA LEU A 57 -12.67 7.09 9.96
C LEU A 57 -12.35 6.39 11.27
N PRO A 58 -13.02 6.85 12.38
CA PRO A 58 -13.05 5.96 13.55
C PRO A 58 -13.43 4.46 13.29
N ASP A 59 -14.60 4.24 12.65
CA ASP A 59 -15.06 2.87 12.29
C ASP A 59 -13.99 2.04 11.49
N PHE A 60 -13.46 2.68 10.44
CA PHE A 60 -12.29 2.12 9.77
C PHE A 60 -11.05 1.78 10.58
N LEU A 61 -10.49 2.79 11.31
CA LEU A 61 -9.37 2.37 12.16
C LEU A 61 -9.70 1.23 13.15
N ALA A 62 -10.87 1.35 13.77
CA ALA A 62 -11.17 0.23 14.67
C ALA A 62 -11.13 -1.20 14.10
N LYS A 63 -11.42 -1.26 12.81
CA LYS A 63 -11.18 -2.58 12.21
C LYS A 63 -9.76 -3.13 12.42
N PHE A 64 -8.76 -2.24 12.21
CA PHE A 64 -7.38 -2.54 12.60
C PHE A 64 -7.19 -2.98 14.06
N ASP A 65 -8.03 -2.37 14.93
CA ASP A 65 -8.01 -2.85 16.31
C ASP A 65 -8.54 -4.25 16.52
N TYR A 66 -9.38 -4.71 15.59
CA TYR A 66 -9.77 -6.12 15.77
C TYR A 66 -8.59 -7.01 15.54
N TYR A 67 -8.35 -7.15 14.23
CA TYR A 67 -7.40 -8.19 13.82
C TYR A 67 -5.99 -8.02 14.23
N MET A 68 -5.48 -6.77 14.21
CA MET A 68 -4.02 -6.75 14.29
C MET A 68 -3.39 -7.53 15.41
N PRO A 69 -3.91 -7.49 16.68
CA PRO A 69 -3.18 -8.15 17.76
C PRO A 69 -3.20 -9.68 17.68
N ALA A 70 -4.12 -10.27 16.87
CA ALA A 70 -3.72 -11.67 16.55
C ALA A 70 -2.37 -11.90 15.84
N ILE A 71 -2.11 -11.02 14.82
CA ILE A 71 -0.82 -11.21 14.18
C ILE A 71 0.37 -10.48 14.70
N ALA A 72 0.13 -9.28 15.18
CA ALA A 72 1.29 -8.52 15.71
C ALA A 72 1.93 -9.15 16.93
N GLY A 73 3.27 -9.06 17.09
CA GLY A 73 3.86 -9.64 18.31
C GLY A 73 4.20 -11.13 18.15
N CYS A 74 3.34 -11.84 17.44
CA CYS A 74 3.76 -13.14 16.90
C CYS A 74 4.68 -13.24 15.68
N ARG A 75 5.94 -13.29 16.02
CA ARG A 75 6.99 -13.69 15.09
C ARG A 75 6.72 -14.62 13.83
N ASP A 76 6.07 -15.80 13.99
CA ASP A 76 5.74 -16.51 12.73
C ASP A 76 4.49 -16.13 11.92
N ALA A 77 3.55 -15.50 12.62
CA ALA A 77 2.41 -14.89 11.91
C ALA A 77 2.79 -13.75 10.97
N ILE A 78 3.82 -13.00 11.48
CA ILE A 78 4.52 -12.06 10.60
C ILE A 78 5.04 -12.59 9.28
N LYS A 79 6.11 -13.48 9.39
CA LYS A 79 6.62 -14.13 8.14
C LYS A 79 5.51 -14.84 7.39
N ARG A 80 4.54 -15.29 8.18
CA ARG A 80 3.53 -15.97 7.44
C ARG A 80 2.59 -15.15 6.68
N ILE A 81 2.18 -14.02 7.24
CA ILE A 81 1.30 -13.16 6.43
C ILE A 81 2.10 -12.67 5.23
N ALA A 82 3.38 -12.40 5.50
CA ALA A 82 4.14 -12.15 4.26
C ALA A 82 4.12 -13.27 3.18
N TYR A 83 4.22 -14.57 3.60
CA TYR A 83 4.25 -15.65 2.59
C TYR A 83 2.96 -15.88 1.81
N GLU A 84 1.96 -15.78 2.63
CA GLU A 84 0.61 -15.81 2.15
C GLU A 84 0.25 -14.68 1.20
N PHE A 85 0.75 -13.48 1.52
CA PHE A 85 0.68 -12.32 0.59
C PHE A 85 1.10 -12.52 -0.87
N VAL A 86 2.24 -13.17 -0.96
CA VAL A 86 2.86 -13.43 -2.28
C VAL A 86 2.05 -14.45 -3.15
N GLU A 87 1.68 -15.52 -2.45
CA GLU A 87 0.67 -16.32 -3.20
C GLU A 87 -0.68 -15.68 -3.67
N MET A 88 -1.19 -14.81 -2.78
CA MET A 88 -2.42 -14.05 -3.03
C MET A 88 -2.31 -13.24 -4.35
N LYS A 89 -1.10 -12.68 -4.49
CA LYS A 89 -0.75 -11.99 -5.75
C LYS A 89 -0.52 -12.82 -7.05
N ALA A 90 0.19 -13.97 -6.89
CA ALA A 90 0.22 -14.89 -8.08
C ALA A 90 -1.17 -15.29 -8.49
N LYS A 91 -2.01 -15.55 -7.48
CA LYS A 91 -3.41 -15.70 -7.94
C LYS A 91 -4.11 -14.51 -8.59
N ASP A 92 -3.69 -13.29 -8.19
CA ASP A 92 -4.11 -12.17 -9.05
C ASP A 92 -3.52 -12.04 -10.49
N GLY A 93 -2.46 -12.78 -10.86
CA GLY A 93 -1.92 -12.40 -12.16
C GLY A 93 -0.80 -11.29 -12.22
N VAL A 94 -0.34 -10.91 -11.00
CA VAL A 94 0.75 -9.94 -10.78
C VAL A 94 2.18 -10.52 -10.93
N VAL A 95 2.89 -9.96 -11.86
CA VAL A 95 4.29 -10.40 -12.00
C VAL A 95 5.37 -9.65 -11.11
N TYR A 96 4.86 -8.42 -10.70
CA TYR A 96 5.53 -7.48 -9.79
C TYR A 96 4.57 -6.59 -8.95
N VAL A 97 4.86 -6.66 -7.67
CA VAL A 97 4.22 -6.01 -6.55
C VAL A 97 5.30 -5.39 -5.65
N GLU A 98 5.03 -4.14 -5.31
CA GLU A 98 5.59 -3.67 -4.07
C GLU A 98 4.46 -3.58 -3.12
N VAL A 99 4.82 -4.21 -2.01
CA VAL A 99 4.03 -4.28 -0.83
C VAL A 99 4.61 -3.36 0.35
N ARG A 100 3.63 -2.81 1.09
CA ARG A 100 3.90 -1.88 2.22
C ARG A 100 3.17 -2.19 3.46
N TYR A 101 3.91 -1.71 4.47
CA TYR A 101 3.54 -1.88 5.89
C TYR A 101 4.45 -1.14 6.87
N SER A 102 3.91 -1.13 8.09
CA SER A 102 4.66 -0.38 9.08
C SER A 102 5.30 -1.36 9.98
N PRO A 103 6.63 -1.34 9.95
CA PRO A 103 7.36 -2.11 10.95
C PRO A 103 6.81 -1.99 12.36
N HIS A 104 7.01 -0.85 12.91
CA HIS A 104 6.32 -0.57 14.17
C HIS A 104 5.02 -1.31 14.57
N LEU A 105 4.06 -1.32 13.65
CA LEU A 105 2.75 -1.81 14.09
C LEU A 105 2.54 -3.41 14.01
N LEU A 106 3.66 -4.12 13.73
CA LEU A 106 3.68 -5.53 14.03
C LEU A 106 4.64 -5.82 15.16
N ALA A 107 5.20 -4.72 15.74
CA ALA A 107 6.08 -4.92 16.85
C ALA A 107 5.44 -4.87 18.24
N ASN A 108 6.11 -5.56 19.16
CA ASN A 108 5.68 -5.26 20.52
C ASN A 108 6.78 -4.88 21.49
N SER A 109 8.03 -4.87 20.99
CA SER A 109 9.15 -4.47 21.87
C SER A 109 9.93 -3.26 21.39
N LYS A 110 10.47 -2.37 22.28
CA LYS A 110 11.23 -1.27 21.69
C LYS A 110 10.49 -0.40 20.63
N VAL A 111 9.24 -0.19 21.02
CA VAL A 111 8.36 0.71 20.30
C VAL A 111 7.45 1.53 21.25
N GLU A 112 7.76 2.82 21.36
CA GLU A 112 6.85 3.66 22.13
C GLU A 112 6.08 4.59 21.25
N PRO A 113 4.75 4.47 21.38
CA PRO A 113 4.09 3.49 22.27
C PRO A 113 3.72 2.10 21.67
N ILE A 114 3.67 1.08 22.55
CA ILE A 114 3.26 -0.27 22.12
C ILE A 114 1.92 -0.37 21.41
N PRO A 115 2.10 -0.87 20.17
CA PRO A 115 0.95 -0.85 19.25
C PRO A 115 -0.32 -1.63 19.67
N TRP A 116 -1.49 -1.16 19.19
CA TRP A 116 -2.63 -2.11 19.35
C TRP A 116 -3.07 -2.58 20.75
N ASN A 117 -2.59 -1.94 21.80
CA ASN A 117 -2.94 -2.37 23.18
C ASN A 117 -2.23 -3.61 23.73
N GLN A 118 -1.32 -4.15 22.89
CA GLN A 118 -0.43 -5.24 23.29
C GLN A 118 0.34 -5.02 24.56
N ALA A 119 0.69 -6.12 25.21
CA ALA A 119 1.78 -6.00 26.19
C ALA A 119 3.20 -6.02 25.58
N GLU A 120 4.19 -5.55 26.35
CA GLU A 120 5.59 -5.58 25.93
C GLU A 120 6.24 -6.84 25.25
N GLY A 121 7.59 -6.90 25.24
CA GLY A 121 7.95 -7.98 24.36
C GLY A 121 9.38 -8.25 23.95
N ASP A 122 9.40 -8.95 22.84
CA ASP A 122 10.58 -9.61 22.34
C ASP A 122 10.95 -9.34 20.88
N LEU A 123 9.93 -8.74 20.22
CA LEU A 123 9.86 -8.53 18.78
C LEU A 123 9.81 -7.03 18.43
N THR A 124 11.02 -6.69 18.00
CA THR A 124 11.36 -5.27 17.76
C THR A 124 10.92 -4.80 16.39
N PRO A 125 10.69 -3.50 16.18
CA PRO A 125 10.66 -3.05 14.80
C PRO A 125 11.69 -3.65 13.79
N ASP A 126 12.94 -3.72 14.21
CA ASP A 126 13.96 -4.22 13.26
C ASP A 126 13.77 -5.75 12.88
N GLU A 127 13.28 -6.46 13.92
CA GLU A 127 13.08 -7.87 13.70
C GLU A 127 11.88 -8.10 12.83
N VAL A 128 10.84 -7.28 13.11
CA VAL A 128 9.79 -7.22 12.11
C VAL A 128 10.22 -7.18 10.63
N VAL A 129 11.08 -6.23 10.30
CA VAL A 129 11.39 -6.20 8.88
C VAL A 129 12.08 -7.49 8.41
N SER A 130 12.89 -8.03 9.22
CA SER A 130 13.63 -9.23 8.85
C SER A 130 12.82 -10.40 8.44
N LEU A 131 11.76 -10.62 9.23
CA LEU A 131 10.78 -11.69 9.01
C LEU A 131 9.92 -11.41 7.82
N VAL A 132 9.59 -10.10 7.69
CA VAL A 132 8.85 -9.82 6.45
C VAL A 132 9.70 -10.10 5.22
N ASN A 133 11.00 -9.81 5.30
CA ASN A 133 11.84 -10.11 4.15
C ASN A 133 11.87 -11.58 3.77
N GLN A 134 12.09 -12.37 4.82
CA GLN A 134 11.99 -13.80 4.65
C GLN A 134 10.69 -14.27 4.00
N GLY A 135 9.53 -13.90 4.60
CA GLY A 135 8.25 -14.43 4.07
C GLY A 135 8.05 -14.21 2.55
N LEU A 136 8.32 -12.92 2.23
CA LEU A 136 8.21 -12.30 0.92
C LEU A 136 9.21 -12.91 -0.04
N GLN A 137 10.35 -13.26 0.55
CA GLN A 137 11.31 -13.70 -0.45
C GLN A 137 11.49 -15.19 -0.66
N GLU A 138 11.08 -15.96 0.37
CA GLU A 138 10.60 -17.32 0.07
C GLU A 138 9.43 -17.29 -0.94
N GLY A 139 8.41 -16.40 -0.61
CA GLY A 139 7.23 -16.19 -1.45
C GLY A 139 7.58 -16.01 -2.90
N GLU A 140 8.59 -15.16 -3.14
CA GLU A 140 9.04 -14.99 -4.54
C GLU A 140 9.46 -16.25 -5.33
N ARG A 141 10.32 -16.95 -4.61
CA ARG A 141 10.87 -18.23 -5.04
C ARG A 141 9.87 -19.40 -5.41
N ASP A 142 8.65 -19.39 -4.83
CA ASP A 142 7.72 -20.47 -5.04
C ASP A 142 6.53 -20.11 -5.96
N PHE A 143 6.22 -18.78 -5.87
CA PHE A 143 5.01 -18.42 -6.59
C PHE A 143 5.25 -17.74 -7.89
N GLY A 144 6.51 -17.40 -8.00
CA GLY A 144 6.85 -16.59 -9.18
C GLY A 144 6.33 -15.14 -9.11
N VAL A 145 6.46 -14.51 -7.94
CA VAL A 145 6.22 -13.06 -8.11
C VAL A 145 7.47 -12.27 -7.87
N LYS A 146 7.74 -11.25 -8.67
CA LYS A 146 8.73 -10.25 -8.14
C LYS A 146 8.14 -9.31 -7.02
N VAL A 147 8.83 -9.37 -5.89
CA VAL A 147 8.50 -8.66 -4.70
C VAL A 147 9.47 -7.62 -4.16
N ARG A 148 9.05 -6.34 -4.30
CA ARG A 148 9.68 -5.57 -3.27
C ARG A 148 8.78 -5.14 -2.15
N SER A 149 9.39 -4.88 -1.03
CA SER A 149 8.68 -4.15 0.03
C SER A 149 8.96 -2.58 0.12
N ILE A 150 8.19 -1.93 1.05
CA ILE A 150 8.18 -0.52 1.33
C ILE A 150 7.70 -0.32 2.76
N LEU A 151 8.56 0.45 3.48
CA LEU A 151 8.23 0.70 4.87
C LEU A 151 7.50 2.04 5.07
N CYS A 152 6.46 1.92 5.82
CA CYS A 152 5.60 3.05 6.07
C CYS A 152 6.02 3.82 7.35
N CYS A 153 6.33 5.11 7.17
CA CYS A 153 6.14 6.11 8.27
C CYS A 153 4.72 6.34 8.64
N MET A 154 4.52 6.64 9.93
CA MET A 154 3.07 6.92 10.25
C MET A 154 2.76 8.33 10.62
N ARG A 155 1.77 8.81 9.99
CA ARG A 155 1.46 10.22 10.24
C ARG A 155 1.43 10.73 11.66
N HIS A 156 0.86 9.92 12.50
CA HIS A 156 0.67 10.34 13.85
C HIS A 156 1.76 10.04 14.79
N GLN A 157 2.83 9.57 14.23
CA GLN A 157 4.01 9.19 14.98
C GLN A 157 5.32 9.62 14.41
N PRO A 158 5.56 10.93 14.16
CA PRO A 158 6.83 11.30 13.46
C PRO A 158 8.13 10.93 14.14
N SER A 159 7.96 10.66 15.42
CA SER A 159 9.09 10.00 16.10
C SER A 159 9.52 8.56 15.73
N TRP A 160 8.64 7.82 15.03
CA TRP A 160 9.12 6.57 14.39
C TRP A 160 9.93 6.74 13.13
N SER A 161 9.72 7.87 12.50
CA SER A 161 10.09 8.03 11.10
C SER A 161 11.50 7.81 10.75
N SER A 162 12.31 8.29 11.65
CA SER A 162 13.72 7.88 11.63
C SER A 162 14.10 6.42 11.75
N GLU A 163 13.35 5.63 12.49
CA GLU A 163 13.66 4.22 12.42
C GLU A 163 13.33 3.63 11.03
N VAL A 164 12.11 3.94 10.55
CA VAL A 164 11.75 3.80 9.10
C VAL A 164 12.84 4.14 8.02
N VAL A 165 13.34 5.40 7.86
CA VAL A 165 14.40 5.48 6.82
C VAL A 165 15.65 4.65 7.06
N GLU A 166 15.81 4.31 8.31
CA GLU A 166 17.07 3.69 8.61
C GLU A 166 17.00 2.15 8.55
N LEU A 167 15.88 1.59 9.03
CA LEU A 167 15.36 0.34 8.46
C LEU A 167 15.45 0.32 6.92
N CYS A 168 15.02 1.42 6.20
CA CYS A 168 15.09 1.34 4.76
C CYS A 168 16.48 1.11 4.16
N LYS A 169 17.38 1.87 4.76
CA LYS A 169 18.83 1.75 4.47
C LYS A 169 19.51 0.48 4.91
N LYS A 170 19.01 -0.06 5.99
CA LYS A 170 19.53 -1.27 6.53
C LYS A 170 19.11 -2.45 5.68
N TYR A 171 17.88 -2.45 5.24
CA TYR A 171 17.50 -3.61 4.40
C TYR A 171 17.26 -3.48 2.88
N ARG A 172 18.14 -2.69 2.28
CA ARG A 172 17.95 -2.20 0.90
C ARG A 172 18.20 -3.18 -0.31
N GLU A 173 17.24 -3.22 -1.29
CA GLU A 173 16.78 -4.41 -2.13
C GLU A 173 16.40 -5.81 -1.50
N GLN A 174 16.93 -6.06 -0.29
CA GLN A 174 16.70 -7.22 0.57
C GLN A 174 15.57 -7.21 1.61
N THR A 175 14.37 -6.81 1.27
CA THR A 175 13.80 -6.49 -0.05
C THR A 175 13.31 -5.04 -0.20
N VAL A 176 13.69 -4.18 0.75
CA VAL A 176 13.20 -2.77 0.82
C VAL A 176 13.70 -1.75 -0.18
N VAL A 177 12.77 -1.21 -0.93
CA VAL A 177 13.06 -0.18 -1.92
C VAL A 177 12.58 1.30 -1.73
N ALA A 178 11.62 1.51 -0.82
CA ALA A 178 11.12 2.86 -0.72
C ALA A 178 10.63 3.09 0.68
N ILE A 179 10.59 4.39 1.09
CA ILE A 179 9.79 4.83 2.25
C ILE A 179 8.34 5.31 1.87
N ASP A 180 7.45 5.17 2.80
CA ASP A 180 6.14 5.84 2.62
C ASP A 180 5.69 6.60 3.84
N LEU A 181 4.68 7.46 3.56
CA LEU A 181 3.99 8.11 4.63
C LEU A 181 2.58 7.80 4.57
N ALA A 182 2.18 7.26 5.69
CA ALA A 182 0.80 6.76 5.60
C ALA A 182 0.00 6.98 6.91
N GLY A 183 -1.32 6.68 6.83
CA GLY A 183 -2.13 6.91 8.02
C GLY A 183 -3.19 7.95 7.78
N ASP A 184 -3.64 8.52 8.91
CA ASP A 184 -4.56 9.73 8.81
C ASP A 184 -4.02 10.94 8.04
N GLU A 185 -4.19 11.02 6.71
CA GLU A 185 -3.61 12.31 6.20
C GLU A 185 -4.31 13.63 6.60
N THR A 186 -5.35 13.49 7.45
CA THR A 186 -6.00 14.74 7.83
C THR A 186 -5.53 15.40 9.14
N ILE A 187 -4.64 14.73 9.88
CA ILE A 187 -3.92 15.39 11.00
C ILE A 187 -3.36 16.73 10.57
N GLU A 188 -3.78 17.69 11.31
CA GLU A 188 -3.22 19.02 10.97
C GLU A 188 -1.71 19.14 11.04
N GLY A 189 -1.17 19.45 9.87
CA GLY A 189 0.27 19.72 9.65
C GLY A 189 1.33 18.61 9.62
N SER A 190 0.78 17.37 9.82
CA SER A 190 1.53 16.10 9.76
C SER A 190 2.53 15.97 8.62
N SER A 191 2.21 16.49 7.44
CA SER A 191 3.32 16.52 6.50
C SER A 191 4.63 17.15 6.73
N LEU A 192 4.55 18.17 7.59
CA LEU A 192 5.64 19.14 7.83
C LEU A 192 6.13 19.00 9.25
N PHE A 193 5.56 17.99 9.93
CA PHE A 193 6.14 17.56 11.22
C PHE A 193 7.58 17.10 10.98
N PRO A 194 8.52 17.65 11.77
CA PRO A 194 9.92 17.52 11.47
C PRO A 194 10.52 16.11 11.47
N GLY A 195 9.97 15.25 12.35
CA GLY A 195 10.34 13.85 12.26
C GLY A 195 10.10 13.24 10.86
N HIS A 196 8.87 13.54 10.35
CA HIS A 196 8.78 13.21 8.90
C HIS A 196 9.61 13.92 7.80
N VAL A 197 9.68 15.31 7.86
CA VAL A 197 10.48 16.10 6.89
C VAL A 197 11.92 15.70 6.83
N GLN A 198 12.35 15.25 7.99
CA GLN A 198 13.72 14.75 7.95
C GLN A 198 14.01 13.32 7.60
N ALA A 199 13.05 12.47 7.96
CA ALA A 199 13.06 11.12 7.39
C ALA A 199 13.03 11.12 5.87
N TYR A 200 12.14 11.96 5.37
CA TYR A 200 12.27 12.16 3.93
C TYR A 200 13.55 12.85 3.48
N ALA A 201 14.09 13.82 4.22
CA ALA A 201 15.39 14.30 3.65
C ALA A 201 16.60 13.36 3.72
N GLU A 202 16.56 12.56 4.77
CA GLU A 202 17.40 11.36 4.82
C GLU A 202 17.29 10.37 3.67
N ALA A 203 16.04 10.00 3.40
CA ALA A 203 15.90 9.30 2.11
C ALA A 203 16.48 9.92 0.85
N VAL A 204 16.21 11.21 0.69
CA VAL A 204 16.89 11.75 -0.53
C VAL A 204 18.40 11.52 -0.60
N LYS A 205 18.90 11.85 0.58
CA LYS A 205 20.29 11.70 0.94
C LYS A 205 20.80 10.36 0.68
N SER A 206 20.08 9.37 1.13
CA SER A 206 20.71 8.08 0.98
C SER A 206 20.11 7.19 -0.08
N GLY A 207 19.70 7.86 -1.17
CA GLY A 207 18.85 7.40 -2.24
C GLY A 207 17.82 6.27 -1.96
N VAL A 208 17.02 6.48 -0.91
CA VAL A 208 15.86 5.68 -0.92
C VAL A 208 14.67 6.41 -1.49
N HIS A 209 14.03 5.63 -2.40
CA HIS A 209 12.89 6.03 -3.11
C HIS A 209 11.77 6.36 -2.19
N ARG A 210 10.91 7.22 -2.78
CA ARG A 210 9.86 7.68 -1.89
C ARG A 210 8.44 7.72 -2.49
N THR A 211 7.46 7.41 -1.63
CA THR A 211 6.08 7.60 -2.06
C THR A 211 5.31 8.17 -0.90
N VAL A 212 4.15 8.85 -1.19
CA VAL A 212 3.36 9.40 -0.08
C VAL A 212 1.87 9.27 -0.32
N HIS A 213 1.12 8.82 0.72
CA HIS A 213 -0.30 9.10 0.60
C HIS A 213 -0.75 10.61 0.73
N ALA A 214 -1.18 11.12 -0.40
CA ALA A 214 -1.71 12.42 -0.17
C ALA A 214 -2.84 12.59 -1.05
N GLY A 215 -3.90 13.20 -0.51
CA GLY A 215 -4.75 13.64 -1.63
C GLY A 215 -5.94 12.79 -1.74
N GLU A 216 -5.95 11.85 -0.77
CA GLU A 216 -6.84 10.73 -0.83
C GLU A 216 -8.09 11.16 -0.22
N VAL A 217 -7.91 11.42 1.04
CA VAL A 217 -9.02 12.06 1.75
C VAL A 217 -8.76 13.60 2.13
N GLY A 218 -7.49 14.00 1.89
CA GLY A 218 -7.04 15.34 2.20
C GLY A 218 -6.77 16.12 0.93
N SER A 219 -6.61 17.36 1.29
CA SER A 219 -6.58 18.53 0.36
C SER A 219 -5.42 18.63 -0.59
N ALA A 220 -5.65 19.34 -1.69
CA ALA A 220 -4.47 19.65 -2.57
C ALA A 220 -3.15 20.10 -1.94
N ASN A 221 -3.29 20.97 -0.93
CA ASN A 221 -2.13 21.30 -0.15
C ASN A 221 -1.38 20.14 0.50
N VAL A 222 -2.12 19.10 0.97
CA VAL A 222 -1.39 17.85 1.30
C VAL A 222 -0.45 17.30 0.18
N VAL A 223 -0.99 17.18 -1.03
CA VAL A 223 -0.17 16.84 -2.15
C VAL A 223 1.02 17.74 -2.39
N LYS A 224 0.79 19.09 -2.60
CA LYS A 224 2.04 19.91 -2.69
C LYS A 224 3.09 19.85 -1.61
N GLU A 225 2.65 19.69 -0.37
CA GLU A 225 3.59 19.44 0.70
C GLU A 225 4.44 18.23 0.47
N ALA A 226 3.72 17.12 0.22
CA ALA A 226 4.37 15.92 -0.37
C ALA A 226 5.38 16.08 -1.47
N VAL A 227 5.00 16.71 -2.52
CA VAL A 227 5.95 16.91 -3.60
C VAL A 227 7.10 17.87 -3.33
N ASP A 228 6.75 19.12 -2.87
CA ASP A 228 7.70 20.20 -2.58
C ASP A 228 8.46 20.02 -1.33
N THR A 229 7.77 19.54 -0.33
CA THR A 229 8.59 19.33 0.90
C THR A 229 9.13 17.89 1.17
N LEU A 230 8.23 16.91 1.14
CA LEU A 230 8.89 15.60 1.35
C LEU A 230 9.62 15.05 0.11
N LYS A 231 9.38 15.80 -1.02
CA LYS A 231 10.01 15.36 -2.26
C LYS A 231 9.59 13.96 -2.84
N THR A 232 8.28 13.64 -2.85
CA THR A 232 7.91 12.30 -3.35
C THR A 232 8.17 11.98 -4.77
N GLU A 233 8.36 10.67 -5.03
CA GLU A 233 8.45 10.36 -6.45
C GLU A 233 7.20 9.90 -7.03
N ARG A 234 6.40 9.41 -6.08
CA ARG A 234 5.04 8.94 -6.48
C ARG A 234 4.01 9.37 -5.41
N LEU A 235 2.78 9.53 -5.82
CA LEU A 235 1.66 9.71 -4.85
C LEU A 235 0.75 8.46 -4.62
N GLY A 236 0.68 8.08 -3.38
CA GLY A 236 -0.50 7.48 -2.78
C GLY A 236 -1.87 8.17 -2.89
N HIS A 237 -2.49 7.86 -4.00
CA HIS A 237 -3.85 8.19 -4.37
C HIS A 237 -3.86 9.48 -5.17
N GLY A 238 -3.63 10.67 -4.44
CA GLY A 238 -3.49 11.95 -5.11
C GLY A 238 -4.77 12.39 -5.72
N TYR A 239 -5.87 11.90 -5.25
CA TYR A 239 -7.06 12.28 -6.08
C TYR A 239 -7.41 13.78 -6.01
N HIS A 240 -7.26 14.29 -4.77
CA HIS A 240 -7.53 15.73 -4.64
C HIS A 240 -6.55 16.62 -5.40
N THR A 241 -5.52 16.06 -6.02
CA THR A 241 -4.71 16.93 -6.87
C THR A 241 -5.44 17.83 -7.87
N LEU A 242 -6.67 17.38 -8.18
CA LEU A 242 -7.32 18.02 -9.29
C LEU A 242 -8.03 19.28 -8.85
N GLU A 243 -8.12 19.37 -7.52
CA GLU A 243 -8.50 20.67 -7.01
C GLU A 243 -7.56 21.87 -7.18
N ASP A 244 -6.40 21.61 -7.77
CA ASP A 244 -5.46 22.71 -7.94
C ASP A 244 -4.79 22.57 -9.23
N THR A 245 -5.40 23.28 -10.11
CA THR A 245 -5.09 23.12 -11.52
C THR A 245 -3.65 23.26 -11.92
N THR A 246 -2.98 24.18 -11.25
CA THR A 246 -1.54 24.27 -11.54
C THR A 246 -0.76 23.13 -10.96
N LEU A 247 -1.19 22.73 -9.76
CA LEU A 247 -0.53 21.56 -9.18
C LEU A 247 -0.64 20.31 -10.16
N TYR A 248 -1.90 20.01 -10.46
CA TYR A 248 -2.13 19.04 -11.50
C TYR A 248 -1.40 19.22 -12.78
N ASN A 249 -1.63 20.39 -13.37
CA ASN A 249 -0.85 20.60 -14.61
C ASN A 249 0.62 20.29 -14.56
N ARG A 250 1.25 20.85 -13.52
CA ARG A 250 2.67 20.58 -13.33
C ARG A 250 3.00 19.10 -13.14
N LEU A 251 2.13 18.42 -12.47
CA LEU A 251 2.48 17.07 -12.17
C LEU A 251 2.17 16.15 -13.42
N ARG A 252 1.22 16.59 -14.21
CA ARG A 252 1.19 16.05 -15.56
C ARG A 252 2.41 16.35 -16.40
N GLN A 253 2.95 17.62 -16.35
CA GLN A 253 4.28 17.84 -16.97
C GLN A 253 5.50 16.98 -16.46
N GLU A 254 5.45 16.86 -15.16
CA GLU A 254 6.43 16.06 -14.46
C GLU A 254 6.30 14.52 -14.59
N ASN A 255 5.24 14.08 -15.26
CA ASN A 255 5.04 12.66 -15.44
C ASN A 255 4.98 11.87 -14.15
N MET A 256 4.40 12.52 -13.14
CA MET A 256 4.24 11.85 -11.87
C MET A 256 3.28 10.66 -11.91
N HIS A 257 3.66 9.68 -11.06
CA HIS A 257 2.94 8.45 -10.83
C HIS A 257 1.85 8.57 -9.77
N PHE A 258 0.60 8.45 -10.16
CA PHE A 258 -0.43 8.28 -9.16
C PHE A 258 -0.84 6.77 -8.96
N GLU A 259 -0.71 6.40 -7.69
CA GLU A 259 -1.22 5.16 -7.14
C GLU A 259 -2.67 5.15 -6.95
N ILE A 260 -3.39 4.90 -8.05
CA ILE A 260 -4.84 4.80 -7.82
C ILE A 260 -5.34 3.49 -7.16
N CYS A 261 -6.33 3.70 -6.34
CA CYS A 261 -7.10 2.65 -5.71
C CYS A 261 -8.65 2.81 -5.78
N PRO A 262 -9.24 2.46 -6.97
CA PRO A 262 -10.66 2.73 -7.24
C PRO A 262 -11.65 2.13 -6.32
N TRP A 263 -11.52 0.84 -6.03
CA TRP A 263 -12.47 0.26 -5.08
C TRP A 263 -12.25 0.79 -3.65
N SER A 264 -10.96 0.84 -3.32
CA SER A 264 -10.57 1.50 -2.08
C SER A 264 -11.24 2.79 -1.64
N SER A 265 -11.45 3.66 -2.66
CA SER A 265 -11.87 5.08 -2.58
C SER A 265 -13.32 5.48 -2.40
N TYR A 266 -14.20 4.95 -3.27
CA TYR A 266 -15.58 4.66 -2.77
C TYR A 266 -15.67 4.07 -1.37
N LEU A 267 -15.00 2.94 -1.15
CA LEU A 267 -15.29 2.50 0.21
C LEU A 267 -14.78 3.35 1.32
N THR A 268 -14.12 4.44 0.94
CA THR A 268 -13.64 5.21 2.09
C THR A 268 -14.29 6.57 2.24
N GLY A 269 -15.27 6.80 1.37
CA GLY A 269 -15.62 8.19 1.19
C GLY A 269 -14.73 9.02 0.26
N ALA A 270 -13.48 8.56 0.11
CA ALA A 270 -12.55 9.34 -0.69
C ALA A 270 -13.07 9.84 -2.00
N TRP A 271 -13.88 8.94 -2.54
CA TRP A 271 -14.65 9.38 -3.71
C TRP A 271 -16.13 9.44 -3.50
N LYS A 272 -16.68 10.55 -4.02
CA LYS A 272 -18.14 10.82 -3.93
C LYS A 272 -18.88 10.22 -5.13
N PRO A 273 -19.63 9.11 -4.77
CA PRO A 273 -20.30 8.22 -5.75
C PRO A 273 -21.06 8.85 -6.88
N ASP A 274 -21.60 10.10 -6.58
CA ASP A 274 -22.12 10.98 -7.65
C ASP A 274 -21.16 11.42 -8.76
N THR A 275 -19.97 11.83 -8.37
CA THR A 275 -19.12 12.37 -9.44
C THR A 275 -18.37 11.46 -10.35
N GLU A 276 -18.00 12.05 -11.48
CA GLU A 276 -16.77 11.67 -12.20
C GLU A 276 -15.54 11.14 -11.40
N HIS A 277 -15.50 9.80 -11.14
CA HIS A 277 -14.23 9.28 -10.59
C HIS A 277 -12.91 9.84 -11.13
N ALA A 278 -12.12 10.29 -10.16
CA ALA A 278 -10.86 10.90 -10.59
C ALA A 278 -10.05 10.13 -11.62
N VAL A 279 -10.13 8.78 -11.53
CA VAL A 279 -9.38 7.91 -12.48
C VAL A 279 -9.80 8.03 -13.90
N ILE A 280 -11.09 8.36 -13.99
CA ILE A 280 -11.55 8.68 -15.34
C ILE A 280 -10.95 9.98 -15.94
N ARG A 281 -10.83 10.91 -15.03
CA ARG A 281 -9.95 12.02 -15.47
C ARG A 281 -8.53 11.65 -15.79
N PHE A 282 -7.98 10.86 -14.84
CA PHE A 282 -6.57 10.57 -15.13
C PHE A 282 -6.34 9.85 -16.43
N LYS A 283 -7.25 8.86 -16.63
CA LYS A 283 -7.37 8.25 -17.98
C LYS A 283 -7.61 9.15 -19.17
N ASN A 284 -8.59 10.04 -19.02
CA ASN A 284 -8.70 10.97 -20.20
C ASN A 284 -7.60 11.99 -20.37
N ASP A 285 -6.91 12.29 -19.26
CA ASP A 285 -5.76 13.18 -19.49
C ASP A 285 -4.39 12.53 -19.62
N GLN A 286 -4.41 11.21 -19.83
CA GLN A 286 -3.17 10.46 -20.03
C GLN A 286 -2.14 10.47 -18.91
N VAL A 287 -2.71 10.41 -17.76
CA VAL A 287 -1.83 10.56 -16.60
C VAL A 287 -0.98 9.30 -16.38
N ASN A 288 0.11 9.39 -15.64
CA ASN A 288 0.81 8.19 -15.20
C ASN A 288 0.23 7.64 -13.91
N TYR A 289 -0.77 6.76 -14.05
CA TYR A 289 -1.32 6.05 -12.89
C TYR A 289 -1.30 4.51 -12.97
N SER A 290 -1.62 3.90 -11.84
CA SER A 290 -1.57 2.47 -11.69
C SER A 290 -2.74 2.00 -10.90
N LEU A 291 -3.07 0.69 -11.00
CA LEU A 291 -4.38 0.32 -10.39
C LEU A 291 -4.15 -0.56 -9.22
N ASN A 292 -4.84 -0.39 -8.09
CA ASN A 292 -4.24 -1.07 -6.98
C ASN A 292 -5.31 -1.37 -5.97
N THR A 293 -5.16 -2.41 -5.15
CA THR A 293 -6.24 -2.69 -4.23
C THR A 293 -6.19 -1.95 -2.90
N ASP A 294 -4.94 -1.54 -2.55
CA ASP A 294 -4.70 -1.01 -1.25
C ASP A 294 -4.80 -1.86 0.03
N ASP A 295 -5.97 -2.19 0.38
CA ASP A 295 -6.11 -3.18 1.48
C ASP A 295 -7.18 -4.22 1.03
N PRO A 296 -6.79 -5.40 0.55
CA PRO A 296 -7.86 -6.31 0.11
C PRO A 296 -8.67 -6.99 1.27
N LEU A 297 -8.00 -7.28 2.43
CA LEU A 297 -8.82 -7.63 3.62
C LEU A 297 -10.07 -6.74 3.98
N ILE A 298 -9.81 -5.53 4.51
CA ILE A 298 -10.89 -4.57 4.82
C ILE A 298 -11.87 -4.39 3.67
N PHE A 299 -11.29 -4.36 2.49
CA PHE A 299 -12.24 -4.04 1.42
C PHE A 299 -12.90 -5.24 0.74
N LYS A 300 -12.65 -6.41 1.38
CA LYS A 300 -13.05 -7.74 0.94
C LYS A 300 -13.03 -7.91 -0.58
N SER A 301 -11.81 -7.62 -1.04
CA SER A 301 -11.61 -7.42 -2.49
C SER A 301 -10.44 -8.20 -3.11
N THR A 302 -10.40 -8.14 -4.40
CA THR A 302 -9.17 -8.64 -5.05
C THR A 302 -8.72 -7.68 -6.14
N LEU A 303 -7.44 -7.81 -6.53
CA LEU A 303 -7.08 -7.03 -7.71
C LEU A 303 -8.02 -6.94 -8.85
N ASP A 304 -8.52 -8.11 -9.28
CA ASP A 304 -9.55 -8.07 -10.35
C ASP A 304 -10.78 -7.16 -10.13
N THR A 305 -11.21 -7.08 -8.87
CA THR A 305 -12.29 -6.14 -8.50
C THR A 305 -12.12 -4.68 -8.92
N ASP A 306 -10.90 -4.20 -8.73
CA ASP A 306 -10.56 -2.84 -9.15
C ASP A 306 -10.72 -2.59 -10.64
N TYR A 307 -10.16 -3.55 -11.42
CA TYR A 307 -10.29 -3.58 -12.91
C TYR A 307 -11.70 -3.74 -13.48
N GLN A 308 -12.52 -4.41 -12.68
CA GLN A 308 -13.94 -4.72 -12.96
C GLN A 308 -14.81 -3.48 -12.80
N MET A 309 -14.50 -2.78 -11.65
CA MET A 309 -15.05 -1.43 -11.43
C MET A 309 -14.77 -0.56 -12.57
N THR A 310 -13.55 -0.63 -13.15
CA THR A 310 -13.32 0.39 -14.17
C THR A 310 -13.66 -0.05 -15.56
N LYS A 311 -13.39 -1.36 -15.79
CA LYS A 311 -13.92 -2.10 -16.98
C LYS A 311 -15.39 -1.79 -17.24
N LYS A 312 -16.16 -2.05 -16.21
CA LYS A 312 -17.56 -1.83 -16.47
C LYS A 312 -18.25 -0.59 -15.89
N ASP A 313 -17.74 -0.11 -14.75
CA ASP A 313 -18.33 1.20 -14.48
C ASP A 313 -17.78 2.36 -15.29
N MET A 314 -16.49 2.42 -15.46
CA MET A 314 -15.92 3.65 -16.10
C MET A 314 -15.41 3.54 -17.52
N GLY A 315 -15.96 2.62 -18.29
CA GLY A 315 -15.34 2.55 -19.68
C GLY A 315 -13.95 1.91 -20.02
N PHE A 316 -13.13 1.53 -19.05
CA PHE A 316 -11.77 1.23 -19.46
C PHE A 316 -11.53 0.03 -20.41
N THR A 317 -10.80 0.36 -21.47
CA THR A 317 -10.41 -0.64 -22.45
C THR A 317 -9.21 -1.55 -22.11
N GLU A 318 -9.04 -2.64 -22.88
CA GLU A 318 -7.78 -3.41 -22.75
C GLU A 318 -6.57 -2.51 -22.97
N GLU A 319 -6.53 -1.78 -24.08
CA GLU A 319 -5.50 -0.71 -24.33
C GLU A 319 -5.00 0.06 -23.09
N GLU A 320 -5.99 0.51 -22.34
CA GLU A 320 -5.76 1.28 -21.12
C GLU A 320 -5.20 0.60 -19.96
N PHE A 321 -5.90 -0.51 -19.67
CA PHE A 321 -5.29 -1.47 -18.77
C PHE A 321 -3.84 -1.79 -19.04
N LYS A 322 -3.53 -1.81 -20.31
CA LYS A 322 -2.15 -2.23 -20.59
C LYS A 322 -1.16 -1.12 -20.40
N ARG A 323 -1.67 0.07 -20.80
CA ARG A 323 -1.00 1.38 -20.68
C ARG A 323 -0.58 1.70 -19.23
N LEU A 324 -1.56 1.44 -18.37
CA LEU A 324 -1.23 1.61 -16.97
C LEU A 324 -0.37 0.58 -16.19
N ASN A 325 -0.39 -0.64 -16.70
CA ASN A 325 0.69 -1.48 -16.12
C ASN A 325 2.03 -1.18 -16.64
N ILE A 326 1.96 -0.68 -17.86
CA ILE A 326 3.24 -0.14 -18.40
C ILE A 326 3.94 0.96 -17.59
N ASN A 327 3.03 1.97 -17.34
CA ASN A 327 3.32 3.13 -16.51
C ASN A 327 3.71 2.72 -15.12
N ALA A 328 2.99 1.79 -14.63
CA ALA A 328 3.35 1.25 -13.32
C ALA A 328 4.70 0.62 -13.24
N ALA A 329 4.96 -0.20 -14.27
CA ALA A 329 6.33 -0.71 -14.30
C ALA A 329 7.48 0.34 -14.40
N LYS A 330 7.27 1.26 -15.38
CA LYS A 330 8.14 2.44 -15.51
C LYS A 330 8.38 3.28 -14.18
N SER A 331 7.22 3.41 -13.50
CA SER A 331 7.28 4.06 -12.21
C SER A 331 7.75 3.35 -10.99
N SER A 332 8.15 2.13 -11.20
CA SER A 332 8.55 1.33 -10.06
C SER A 332 9.83 1.83 -9.42
N PHE A 333 10.03 1.30 -8.19
CA PHE A 333 11.21 1.66 -7.42
C PHE A 333 12.32 0.59 -7.51
N LEU A 334 12.19 -0.19 -8.55
CA LEU A 334 13.17 -1.20 -8.93
C LEU A 334 14.38 -0.46 -9.54
N PRO A 335 15.58 -1.01 -9.27
CA PRO A 335 16.78 -0.62 -10.04
C PRO A 335 16.59 -0.55 -11.49
N GLU A 336 17.47 0.20 -12.21
CA GLU A 336 17.07 0.38 -13.62
C GLU A 336 17.24 -0.82 -14.52
N ASP A 337 18.32 -1.58 -14.27
CA ASP A 337 18.41 -2.88 -14.97
C ASP A 337 17.18 -3.84 -14.91
N GLU A 338 16.74 -4.00 -13.64
CA GLU A 338 15.50 -4.74 -13.39
C GLU A 338 14.25 -4.07 -13.77
N LYS A 339 14.36 -2.77 -13.91
CA LYS A 339 13.11 -2.13 -14.30
C LYS A 339 12.78 -2.35 -15.74
N LYS A 340 13.88 -2.38 -16.52
CA LYS A 340 13.63 -2.71 -17.92
C LYS A 340 13.37 -4.20 -18.31
N GLU A 341 13.93 -5.03 -17.47
CA GLU A 341 13.45 -6.42 -17.50
C GLU A 341 12.01 -6.69 -17.24
N LEU A 342 11.47 -6.06 -16.13
CA LEU A 342 10.01 -6.02 -16.00
C LEU A 342 9.35 -5.53 -17.26
N LEU A 343 9.81 -4.37 -17.71
CA LEU A 343 9.15 -3.84 -18.89
C LEU A 343 9.09 -4.75 -20.10
N ASP A 344 10.19 -5.51 -20.30
CA ASP A 344 10.14 -6.37 -21.48
C ASP A 344 9.26 -7.62 -21.32
N LEU A 345 9.25 -8.11 -20.10
CA LEU A 345 8.20 -9.08 -19.81
C LEU A 345 6.86 -8.53 -20.18
N LEU A 346 6.55 -7.31 -19.59
CA LEU A 346 5.22 -6.75 -19.95
C LEU A 346 4.88 -6.55 -21.43
N TYR A 347 5.91 -6.11 -22.14
CA TYR A 347 5.77 -6.05 -23.61
C TYR A 347 5.61 -7.36 -24.37
N LYS A 348 6.43 -8.33 -23.96
CA LYS A 348 6.12 -9.56 -24.66
C LYS A 348 4.76 -10.11 -24.32
N ALA A 349 4.36 -9.91 -23.04
CA ALA A 349 3.05 -10.48 -22.72
C ALA A 349 1.84 -9.77 -23.24
N TYR A 350 2.12 -8.49 -23.55
CA TYR A 350 1.11 -7.58 -24.05
C TYR A 350 0.83 -7.59 -25.50
N ARG A 351 1.70 -8.27 -26.26
CA ARG A 351 1.26 -8.34 -27.66
C ARG A 351 0.75 -9.68 -28.33
#